data_5WKK
#
_entry.id   5WKK
#
_cell.length_a   101.584
_cell.length_b   57.999
_cell.length_c   49.731
_cell.angle_alpha   90.000
_cell.angle_beta   112.200
_cell.angle_gamma   90.000
#
_symmetry.space_group_name_H-M   'C 1 2 1'
#
loop_
_entity.id
_entity.type
_entity.pdbx_description
1 polymer 'Orf1a protein'
2 non-polymer 'TETRAETHYLENE GLYCOL'
3 non-polymer 'MAGNESIUM ION'
4 non-polymer '(1S,2S)-2-[(N-{[2-(3-chlorophenyl)ethoxy]carbonyl}-L-leucyl)amino]-1-hydroxy-3-[(3S)-2-oxopyrrolidin-3-yl]propane-1-sulfonic acid'
5 non-polymer '(1R,2S)-2-[(N-{[2-(3-chlorophenyl)ethoxy]carbonyl}-L-leucyl)amino]-1-hydroxy-3-[(3S)-2-oxopyrrolidin-3-yl]propane-1-sulfonic acid'
6 water water
#
_entity_poly.entity_id   1
_entity_poly.type   'polypeptide(L)'
_entity_poly.pdbx_seq_one_letter_code
;MHHHHHHSGLVKMSHPSGDVEACMVQVTCGSMTLNGLWLDNTVWCPRHVMCPADQLSDPNYDALLISMTNHSFSVQKHIG
APANLRVVGHAMQGTLLKLTVDVANPSTPAYTFTTVKPGAAFSVLACYNGRPTGTFTVVMRPNYTIKGSFLCGSCGSVGY
TKEGSVINFCYMHQMELANGTHTGSAFDGTMYGAFMDKQVHQVQLTDKYCSVNVVAWLYAAILNGCAWFVKPNRTSVVSF
NEWALANQFTEFVGTQSVDMLAVKTGVAIEQLLYAIQQLYTGFQGKQILGSTMLEDEFTPEDVNMQIMGVVMQ
;
_entity_poly.pdbx_strand_id   A
#
# COMPACT_ATOMS: atom_id res chain seq x y z
N HIS A 6 17.00 -23.95 4.33
CA HIS A 6 17.15 -23.32 2.98
C HIS A 6 16.34 -22.04 2.84
N HIS A 7 17.03 -20.95 2.53
CA HIS A 7 16.42 -19.63 2.43
C HIS A 7 15.86 -19.41 1.03
N SER A 8 14.64 -18.86 0.97
CA SER A 8 13.91 -18.73 -0.29
C SER A 8 14.49 -17.67 -1.20
N GLY A 9 15.28 -16.75 -0.67
CA GLY A 9 15.72 -15.62 -1.44
C GLY A 9 14.68 -14.56 -1.58
N LEU A 10 13.58 -14.67 -0.84
CA LEU A 10 12.55 -13.64 -0.78
C LEU A 10 12.76 -12.73 0.42
N VAL A 11 12.72 -11.42 0.17
CA VAL A 11 12.67 -10.44 1.23
C VAL A 11 11.58 -9.43 0.87
N LYS A 12 11.21 -8.64 1.86
CA LYS A 12 10.33 -7.50 1.62
C LYS A 12 11.16 -6.42 0.95
N MET A 13 10.95 -6.22 -0.33
CA MET A 13 11.80 -5.37 -1.14
C MET A 13 11.06 -4.11 -1.54
N SER A 14 11.61 -2.97 -1.17
CA SER A 14 11.05 -1.69 -1.57
C SER A 14 11.84 -1.11 -2.74
N HIS A 15 11.24 -0.17 -3.46
CA HIS A 15 12.00 0.58 -4.45
C HIS A 15 13.04 1.45 -3.74
N PRO A 16 14.12 1.81 -4.42
CA PRO A 16 14.98 2.85 -3.88
C PRO A 16 14.18 4.12 -3.72
N SER A 17 14.40 4.83 -2.60
CA SER A 17 13.53 5.92 -2.21
C SER A 17 14.03 7.31 -2.59
N GLY A 18 15.20 7.43 -3.21
CA GLY A 18 15.81 8.74 -3.41
C GLY A 18 14.94 9.72 -4.17
N ASP A 19 14.31 9.24 -5.25
CA ASP A 19 13.50 10.12 -6.09
C ASP A 19 12.35 10.72 -5.29
N VAL A 20 11.80 9.95 -4.38
CA VAL A 20 10.66 10.44 -3.59
C VAL A 20 11.13 11.28 -2.41
N GLU A 21 12.27 10.94 -1.79
CA GLU A 21 12.82 11.76 -0.72
C GLU A 21 12.93 13.22 -1.14
N ALA A 22 13.31 13.48 -2.39
CA ALA A 22 13.52 14.84 -2.86
C ALA A 22 12.22 15.58 -3.08
N CYS A 23 11.09 14.94 -2.84
CA CYS A 23 9.78 15.56 -3.02
C CYS A 23 9.09 15.84 -1.70
N MET A 24 9.69 15.47 -0.58
CA MET A 24 9.00 15.58 0.70
C MET A 24 9.24 16.94 1.32
N VAL A 25 8.17 17.50 1.87
CA VAL A 25 8.18 18.76 2.57
C VAL A 25 7.37 18.65 3.86
N GLN A 26 7.53 19.66 4.72
CA GLN A 26 6.73 19.84 5.91
C GLN A 26 5.64 20.85 5.64
N VAL A 27 4.42 20.57 6.10
CA VAL A 27 3.30 21.51 5.99
C VAL A 27 2.74 21.76 7.39
N THR A 28 2.57 23.05 7.73
CA THR A 28 2.00 23.44 9.01
C THR A 28 0.92 24.47 8.76
N CYS A 29 -0.20 24.31 9.46
CA CYS A 29 -1.36 25.18 9.35
C CYS A 29 -1.96 25.19 10.74
N GLY A 30 -1.99 26.36 11.38
CA GLY A 30 -2.36 26.43 12.78
C GLY A 30 -1.39 25.70 13.70
N MET A 32 -1.31 20.93 13.87
CA MET A 32 -0.11 20.12 13.87
C MET A 32 0.66 20.27 12.57
N THR A 33 1.80 19.63 12.55
CA THR A 33 2.69 19.64 11.41
C THR A 33 2.63 18.26 10.79
N LEU A 34 2.41 18.19 9.48
CA LEU A 34 2.55 16.89 8.85
C LEU A 34 3.38 17.04 7.59
N ASN A 35 3.40 15.99 6.76
CA ASN A 35 4.22 15.95 5.56
C ASN A 35 3.40 16.25 4.31
N GLY A 36 4.08 16.79 3.30
CA GLY A 36 3.50 17.00 2.00
C GLY A 36 4.43 16.46 0.91
N LEU A 37 3.84 16.32 -0.28
CA LEU A 37 4.52 15.85 -1.48
C LEU A 37 4.52 16.97 -2.51
N TRP A 38 5.72 17.40 -2.90
CA TRP A 38 5.92 18.58 -3.75
C TRP A 38 6.29 18.11 -5.15
N LEU A 39 5.38 18.29 -6.09
CA LEU A 39 5.57 17.88 -7.48
C LEU A 39 5.26 19.09 -8.36
N ASP A 40 6.20 19.48 -9.20
CA ASP A 40 5.98 20.66 -10.07
C ASP A 40 5.63 21.82 -9.14
N ASN A 41 4.53 22.56 -9.37
CA ASN A 41 4.16 23.69 -8.51
C ASN A 41 3.08 23.34 -7.51
N THR A 42 2.92 22.06 -7.18
CA THR A 42 1.86 21.60 -6.30
C THR A 42 2.43 20.87 -5.09
N VAL A 43 1.85 21.13 -3.92
CA VAL A 43 2.13 20.36 -2.70
C VAL A 43 0.82 19.72 -2.27
N TRP A 44 0.84 18.40 -2.15
CA TRP A 44 -0.27 17.60 -1.71
C TRP A 44 -0.09 17.29 -0.24
N CYS A 45 -1.15 17.40 0.55
CA CYS A 45 -1.05 16.99 1.94
C CYS A 45 -2.44 16.62 2.46
N PRO A 46 -2.53 15.89 3.57
CA PRO A 46 -3.83 15.59 4.15
C PRO A 46 -4.54 16.85 4.62
N ARG A 47 -5.85 16.87 4.40
CA ARG A 47 -6.60 18.06 4.78
C ARG A 47 -6.73 18.22 6.29
N HIS A 48 -6.50 17.17 7.10
CA HIS A 48 -6.63 17.42 8.53
C HIS A 48 -5.47 18.24 9.08
N VAL A 49 -4.51 18.66 8.25
CA VAL A 49 -3.55 19.67 8.71
C VAL A 49 -4.29 20.93 9.17
N MET A 50 -5.48 21.20 8.64
CA MET A 50 -6.25 22.38 9.00
C MET A 50 -6.98 22.24 10.33
N CYS A 51 -7.07 21.03 10.87
CA CYS A 51 -7.97 20.77 11.99
CA CYS A 51 -7.95 20.72 12.01
C CYS A 51 -7.32 21.14 13.33
N PRO A 52 -8.00 21.91 14.18
CA PRO A 52 -7.54 22.03 15.56
C PRO A 52 -7.62 20.67 16.27
N ALA A 53 -6.77 20.47 17.27
CA ALA A 53 -6.69 19.15 17.90
C ALA A 53 -8.03 18.76 18.55
N ASP A 54 -8.79 19.73 19.04
CA ASP A 54 -10.07 19.44 19.67
C ASP A 54 -11.20 19.25 18.67
N GLN A 55 -10.90 19.18 17.38
CA GLN A 55 -11.93 19.02 16.35
C GLN A 55 -11.68 17.80 15.48
N LEU A 56 -10.68 16.99 15.81
CA LEU A 56 -10.29 15.87 14.96
C LEU A 56 -11.39 14.81 14.85
N SER A 57 -12.30 14.73 15.82
CA SER A 57 -13.32 13.68 15.76
CA SER A 57 -13.34 13.70 15.80
C SER A 57 -14.50 14.05 14.89
N ASP A 58 -14.77 15.34 14.68
CA ASP A 58 -15.88 15.71 13.79
C ASP A 58 -15.58 17.00 13.03
N PRO A 59 -14.51 17.05 12.24
CA PRO A 59 -14.14 18.30 11.58
C PRO A 59 -15.17 18.72 10.53
N ASN A 60 -15.35 20.03 10.39
CA ASN A 60 -16.08 20.56 9.24
C ASN A 60 -15.02 21.10 8.29
N TYR A 61 -14.59 20.24 7.37
CA TYR A 61 -13.46 20.60 6.52
C TYR A 61 -13.79 21.73 5.54
N ASP A 62 -15.04 21.79 5.06
CA ASP A 62 -15.45 22.87 4.17
C ASP A 62 -15.31 24.23 4.85
N ALA A 63 -15.74 24.33 6.11
CA ALA A 63 -15.61 25.58 6.83
C ALA A 63 -14.15 25.90 7.14
N LEU A 64 -13.38 24.89 7.55
CA LEU A 64 -11.96 25.12 7.79
C LEU A 64 -11.25 25.66 6.55
N LEU A 65 -11.51 25.07 5.39
CA LEU A 65 -10.88 25.51 4.16
C LEU A 65 -11.20 26.97 3.89
N ILE A 66 -12.46 27.33 4.05
CA ILE A 66 -12.90 28.71 3.87
C ILE A 66 -12.14 29.65 4.80
N SER A 67 -11.84 29.20 6.01
CA SER A 67 -11.20 30.03 7.03
C SER A 67 -9.72 30.29 6.77
N MET A 68 -9.08 29.56 5.85
CA MET A 68 -7.66 29.75 5.60
C MET A 68 -7.41 30.68 4.42
N THR A 69 -6.27 31.37 4.48
CA THR A 69 -5.71 32.09 3.35
C THR A 69 -4.50 31.31 2.84
N ASN A 70 -3.98 31.72 1.68
CA ASN A 70 -2.75 31.11 1.19
C ASN A 70 -1.65 31.18 2.24
N HIS A 71 -1.57 32.30 2.96
CA HIS A 71 -0.49 32.50 3.91
C HIS A 71 -0.64 31.65 5.16
N SER A 72 -1.83 31.11 5.42
CA SER A 72 -2.05 30.22 6.57
C SER A 72 -1.21 28.95 6.48
N PHE A 73 -0.81 28.55 5.28
CA PHE A 73 -0.11 27.29 5.06
C PHE A 73 1.39 27.54 4.99
N SER A 74 2.14 26.96 5.91
CA SER A 74 3.58 27.12 5.94
C SER A 74 4.21 25.84 5.40
N VAL A 75 4.89 25.95 4.27
CA VAL A 75 5.51 24.79 3.60
C VAL A 75 7.02 24.98 3.62
N GLN A 76 7.73 24.00 4.22
CA GLN A 76 9.18 24.09 4.37
C GLN A 76 9.82 22.79 3.89
N LYS A 77 10.92 22.91 3.15
CA LYS A 77 11.73 21.74 2.78
C LYS A 77 13.02 21.77 3.57
N HIS A 78 13.44 20.62 4.07
CA HIS A 78 14.70 20.50 4.80
C HIS A 78 15.76 19.81 3.93
N ALA A 83 14.34 25.30 3.04
CA ALA A 83 13.70 26.31 2.22
C ALA A 83 12.29 26.58 2.74
N ASN A 84 11.73 27.70 2.30
CA ASN A 84 10.32 28.02 2.53
C ASN A 84 9.69 28.21 1.16
N LEU A 85 8.61 27.49 0.91
CA LEU A 85 7.87 27.57 -0.33
C LEU A 85 6.62 28.41 -0.10
N ARG A 86 6.50 29.51 -0.85
CA ARG A 86 5.34 30.40 -0.70
C ARG A 86 4.11 29.80 -1.37
N VAL A 87 3.01 29.70 -0.60
CA VAL A 87 1.76 29.18 -1.13
C VAL A 87 1.02 30.32 -1.83
N VAL A 88 0.64 30.09 -3.09
CA VAL A 88 -0.07 31.08 -3.89
C VAL A 88 -1.45 30.61 -4.33
N GLY A 89 -1.89 29.43 -3.88
CA GLY A 89 -3.22 28.93 -4.16
C GLY A 89 -3.52 27.76 -3.26
N HIS A 90 -4.78 27.54 -2.89
CA HIS A 90 -5.13 26.38 -2.11
C HIS A 90 -6.51 25.88 -2.50
N ALA A 91 -6.64 24.56 -2.51
CA ALA A 91 -7.84 23.88 -2.92
C ALA A 91 -7.91 22.53 -2.21
N MET A 92 -9.12 22.02 -2.08
CA MET A 92 -9.37 20.74 -1.44
C MET A 92 -9.90 19.79 -2.49
N GLN A 93 -9.32 18.60 -2.54
CA GLN A 93 -9.89 17.53 -3.35
C GLN A 93 -10.05 16.29 -2.49
N GLY A 94 -11.28 16.00 -2.15
CA GLY A 94 -11.59 14.88 -1.29
C GLY A 94 -10.93 15.09 0.03
N THR A 95 -10.09 14.13 0.42
CA THR A 95 -9.41 14.19 1.71
C THR A 95 -8.01 14.80 1.64
N LEU A 96 -7.64 15.41 0.50
CA LEU A 96 -6.33 16.02 0.33
C LEU A 96 -6.46 17.51 0.04
N LEU A 97 -5.45 18.25 0.43
CA LEU A 97 -5.24 19.61 -0.03
C LEU A 97 -4.25 19.64 -1.17
N LYS A 98 -4.51 20.52 -2.12
CA LYS A 98 -3.65 20.82 -3.25
C LYS A 98 -3.22 22.27 -3.05
N LEU A 99 -2.01 22.47 -2.59
CA LEU A 99 -1.42 23.79 -2.42
C LEU A 99 -0.56 24.15 -3.62
N THR A 100 -0.81 25.30 -4.22
CA THR A 100 0.01 25.75 -5.32
C THR A 100 1.10 26.63 -4.72
N VAL A 101 2.34 26.38 -5.13
CA VAL A 101 3.49 27.09 -4.58
C VAL A 101 4.19 27.81 -5.72
N ASP A 102 4.99 28.81 -5.36
CA ASP A 102 5.56 29.69 -6.37
C ASP A 102 6.81 29.12 -7.06
N VAL A 103 7.36 28.02 -6.56
CA VAL A 103 8.57 27.41 -7.12
C VAL A 103 8.24 25.98 -7.52
N ALA A 104 8.63 25.60 -8.73
CA ALA A 104 8.47 24.23 -9.19
C ALA A 104 9.60 23.37 -8.66
N ASN A 105 9.26 22.21 -8.10
CA ASN A 105 10.30 21.35 -7.54
C ASN A 105 11.29 20.97 -8.64
N PRO A 106 12.57 21.35 -8.56
CA PRO A 106 13.50 21.00 -9.64
C PRO A 106 13.85 19.52 -9.70
N SER A 107 13.53 18.78 -8.64
CA SER A 107 13.75 17.35 -8.56
C SER A 107 12.49 16.54 -8.79
N THR A 108 11.46 17.12 -9.41
CA THR A 108 10.23 16.38 -9.69
C THR A 108 10.56 15.21 -10.61
N PRO A 109 10.27 13.98 -10.22
CA PRO A 109 10.48 12.84 -11.11
C PRO A 109 9.36 12.79 -12.14
N ALA A 110 9.56 11.97 -13.16
CA ALA A 110 8.45 11.57 -14.01
C ALA A 110 7.50 10.77 -13.15
N TYR A 111 6.21 11.08 -13.22
CA TYR A 111 5.26 10.46 -12.28
C TYR A 111 3.87 10.39 -12.87
N THR A 112 3.08 9.50 -12.25
CA THR A 112 1.65 9.39 -12.47
C THR A 112 1.01 9.19 -11.11
N PHE A 113 -0.31 9.32 -11.09
CA PHE A 113 -1.13 8.93 -9.96
C PHE A 113 -1.90 7.67 -10.33
N THR A 114 -1.95 6.70 -9.42
CA THR A 114 -2.70 5.47 -9.66
C THR A 114 -3.33 5.00 -8.35
N THR A 115 -4.28 4.08 -8.45
CA THR A 115 -4.86 3.47 -7.27
C THR A 115 -4.38 2.01 -7.21
N VAL A 116 -3.94 1.59 -6.06
CA VAL A 116 -3.50 0.22 -5.90
CA VAL A 116 -3.49 0.23 -5.87
C VAL A 116 -4.69 -0.64 -5.50
N LYS A 117 -4.66 -1.91 -5.95
CA LYS A 117 -5.70 -2.89 -5.74
C LYS A 117 -5.31 -3.88 -4.65
N PRO A 118 -6.28 -4.48 -3.96
CA PRO A 118 -5.97 -5.47 -2.93
C PRO A 118 -5.05 -6.54 -3.46
N GLY A 119 -4.09 -6.92 -2.62
CA GLY A 119 -3.09 -7.90 -2.93
C GLY A 119 -1.85 -7.35 -3.60
N ALA A 120 -1.93 -6.14 -4.14
CA ALA A 120 -0.78 -5.53 -4.81
C ALA A 120 0.13 -4.83 -3.79
N ALA A 121 1.42 -4.85 -4.08
CA ALA A 121 2.45 -4.28 -3.22
C ALA A 121 2.83 -2.87 -3.64
N PHE A 122 3.19 -2.05 -2.65
CA PHE A 122 3.78 -0.76 -2.94
C PHE A 122 4.76 -0.40 -1.84
N SER A 123 5.60 0.56 -2.16
CA SER A 123 6.67 1.02 -1.30
C SER A 123 6.21 2.28 -0.57
N VAL A 124 6.54 2.37 0.72
CA VAL A 124 6.18 3.54 1.54
C VAL A 124 7.44 4.23 2.03
N LEU A 125 7.45 5.54 1.94
CA LEU A 125 8.46 6.38 2.55
C LEU A 125 7.84 7.05 3.77
N ALA A 126 8.19 6.53 4.94
CA ALA A 126 7.72 7.10 6.20
C ALA A 126 8.52 8.34 6.55
N CYS A 127 7.83 9.43 6.82
CA CYS A 127 8.43 10.73 7.04
C CYS A 127 7.85 11.36 8.29
N TYR A 128 8.66 12.17 8.95
CA TYR A 128 8.22 12.91 10.12
C TYR A 128 8.79 14.32 9.99
N ASN A 129 7.94 15.34 10.14
CA ASN A 129 8.40 16.73 10.06
C ASN A 129 9.09 17.01 8.74
N GLY A 130 8.65 16.37 7.67
CA GLY A 130 9.22 16.54 6.35
C GLY A 130 10.51 15.80 6.13
N ARG A 131 10.97 15.02 7.10
CA ARG A 131 12.23 14.30 7.04
C ARG A 131 11.99 12.82 6.80
N PRO A 132 12.44 12.27 5.67
CA PRO A 132 12.33 10.81 5.49
C PRO A 132 13.07 10.07 6.58
N THR A 133 12.40 9.07 7.14
CA THR A 133 12.95 8.31 8.26
CA THR A 133 12.88 8.31 8.28
C THR A 133 13.07 6.82 8.00
N GLY A 134 12.23 6.24 7.15
CA GLY A 134 12.35 4.82 6.85
C GLY A 134 11.56 4.47 5.61
N THR A 135 11.89 3.31 5.03
CA THR A 135 11.08 2.82 3.94
C THR A 135 10.76 1.33 4.11
N PHE A 136 9.56 0.96 3.68
CA PHE A 136 9.07 -0.38 3.82
C PHE A 136 8.08 -0.64 2.69
N THR A 137 7.68 -1.92 2.56
CA THR A 137 6.74 -2.30 1.52
C THR A 137 5.60 -3.05 2.19
N VAL A 138 4.40 -2.84 1.65
CA VAL A 138 3.18 -3.45 2.15
C VAL A 138 2.37 -3.91 0.95
N VAL A 139 1.43 -4.82 1.20
CA VAL A 139 0.39 -5.18 0.24
CA VAL A 139 0.40 -5.14 0.22
C VAL A 139 -0.91 -4.54 0.70
N MET A 140 -1.68 -4.01 -0.22
CA MET A 140 -2.99 -3.48 0.12
C MET A 140 -3.89 -4.65 0.52
N ARG A 141 -4.43 -4.62 1.73
CA ARG A 141 -5.27 -5.71 2.19
C ARG A 141 -6.64 -5.67 1.51
N PRO A 142 -7.32 -6.82 1.46
CA PRO A 142 -8.70 -6.85 0.93
C PRO A 142 -9.69 -5.95 1.66
N ASN A 143 -9.40 -5.48 2.87
CA ASN A 143 -10.27 -4.54 3.56
C ASN A 143 -9.73 -3.11 3.48
N TYR A 144 -8.77 -2.85 2.59
CA TYR A 144 -8.31 -1.50 2.26
C TYR A 144 -7.62 -0.83 3.44
N THR A 145 -6.94 -1.65 4.22
CA THR A 145 -5.95 -1.24 5.20
C THR A 145 -4.62 -1.78 4.74
N ILE A 146 -3.56 -1.27 5.37
CA ILE A 146 -2.21 -1.81 5.20
C ILE A 146 -1.65 -2.07 6.59
N LYS A 147 -0.84 -3.10 6.69
CA LYS A 147 -0.18 -3.43 7.94
C LYS A 147 1.15 -2.69 7.96
N GLY A 148 1.09 -1.40 8.30
CA GLY A 148 2.23 -0.51 8.20
C GLY A 148 2.94 -0.28 9.52
N SER A 149 3.68 0.81 9.56
CA SER A 149 4.43 1.19 10.75
C SER A 149 4.49 2.70 10.72
N PHE A 150 3.54 3.34 11.41
CA PHE A 150 3.34 4.78 11.36
C PHE A 150 2.99 5.26 12.75
N LEU A 151 3.54 6.42 13.12
CA LEU A 151 3.28 7.04 14.42
C LEU A 151 2.74 8.45 14.23
N CYS A 152 2.47 9.11 15.34
CA CYS A 152 2.04 10.50 15.26
CA CYS A 152 2.07 10.51 15.29
C CYS A 152 3.09 11.31 14.49
N GLY A 153 2.60 12.14 13.56
CA GLY A 153 3.43 12.97 12.73
C GLY A 153 3.74 12.38 11.36
N SER A 154 3.29 11.16 11.10
CA SER A 154 3.61 10.50 9.85
C SER A 154 2.65 10.82 8.72
N CYS A 155 1.54 11.49 9.00
CA CYS A 155 0.58 11.68 7.94
C CYS A 155 1.17 12.53 6.82
N GLY A 156 0.77 12.22 5.60
CA GLY A 156 1.38 12.79 4.44
C GLY A 156 2.52 11.96 3.90
N SER A 157 2.97 10.95 4.64
CA SER A 157 3.90 9.96 4.09
C SER A 157 3.26 9.32 2.87
N VAL A 158 4.08 8.95 1.89
CA VAL A 158 3.51 8.50 0.63
C VAL A 158 3.91 7.07 0.30
N GLY A 159 3.01 6.43 -0.46
CA GLY A 159 3.27 5.14 -1.05
C GLY A 159 3.24 5.21 -2.57
N TYR A 160 4.02 4.32 -3.20
CA TYR A 160 4.21 4.39 -4.65
C TYR A 160 4.69 3.06 -5.19
N THR A 161 4.43 2.86 -6.48
CA THR A 161 5.08 1.86 -7.30
C THR A 161 5.94 2.57 -8.34
N LYS A 162 6.68 1.81 -9.12
CA LYS A 162 7.61 2.40 -10.07
C LYS A 162 7.66 1.51 -11.31
N GLU A 163 7.57 2.12 -12.48
CA GLU A 163 7.65 1.42 -13.76
C GLU A 163 8.70 2.15 -14.58
N GLY A 164 9.84 1.53 -14.77
CA GLY A 164 10.93 2.23 -15.42
C GLY A 164 11.37 3.35 -14.51
N SER A 165 11.49 4.55 -15.08
CA SER A 165 11.83 5.74 -14.33
C SER A 165 10.63 6.45 -13.74
N VAL A 166 9.42 5.97 -14.01
CA VAL A 166 8.20 6.68 -13.64
C VAL A 166 7.71 6.20 -12.28
N ILE A 167 7.47 7.15 -11.39
CA ILE A 167 6.95 6.85 -10.06
C ILE A 167 5.44 7.00 -10.12
N ASN A 168 4.72 5.96 -9.69
CA ASN A 168 3.27 5.96 -9.66
C ASN A 168 2.82 6.12 -8.21
N PHE A 169 2.43 7.33 -7.85
CA PHE A 169 2.02 7.59 -6.47
C PHE A 169 0.62 7.05 -6.26
N CYS A 170 0.43 6.28 -5.20
CA CYS A 170 -0.81 5.57 -4.96
C CYS A 170 -1.39 5.71 -3.56
N TYR A 171 -0.69 6.34 -2.62
CA TYR A 171 -1.10 6.35 -1.23
C TYR A 171 -0.54 7.57 -0.52
N MET A 172 -1.39 8.24 0.27
CA MET A 172 -0.95 9.29 1.18
C MET A 172 -1.52 8.96 2.56
N HIS A 173 -0.65 8.82 3.54
CA HIS A 173 -1.07 8.28 4.82
C HIS A 173 -1.99 9.24 5.58
N GLN A 174 -3.03 8.67 6.18
CA GLN A 174 -4.01 9.44 6.93
C GLN A 174 -4.25 8.98 8.37
N MET A 175 -4.30 7.69 8.66
CA MET A 175 -4.80 7.29 9.97
C MET A 175 -4.45 5.86 10.32
N GLU A 176 -4.52 5.59 11.61
CA GLU A 176 -4.38 4.26 12.17
C GLU A 176 -5.73 3.80 12.70
N LEU A 177 -6.06 2.55 12.44
CA LEU A 177 -7.32 1.98 12.89
C LEU A 177 -7.13 1.32 14.25
N ALA A 178 -8.27 0.96 14.88
CA ALA A 178 -8.21 0.42 16.23
C ALA A 178 -7.39 -0.85 16.30
N ASN A 179 -7.36 -1.67 15.24
CA ASN A 179 -6.64 -2.93 15.26
C ASN A 179 -5.18 -2.77 14.88
N GLY A 180 -4.68 -1.53 14.80
CA GLY A 180 -3.26 -1.30 14.58
C GLY A 180 -2.86 -1.17 13.13
N THR A 181 -3.77 -1.45 12.21
CA THR A 181 -3.47 -1.24 10.80
C THR A 181 -3.71 0.23 10.43
N HIS A 182 -3.47 0.52 9.16
CA HIS A 182 -3.38 1.87 8.62
C HIS A 182 -4.17 2.05 7.34
N THR A 183 -4.63 3.28 7.10
CA THR A 183 -5.16 3.58 5.79
C THR A 183 -4.94 5.04 5.43
N GLY A 184 -5.25 5.36 4.19
CA GLY A 184 -4.97 6.65 3.65
C GLY A 184 -5.73 6.87 2.38
N SER A 185 -5.28 7.86 1.62
CA SER A 185 -5.95 8.37 0.43
C SER A 185 -5.18 7.98 -0.82
N ALA A 186 -5.91 7.88 -1.93
CA ALA A 186 -5.34 8.00 -3.26
C ALA A 186 -5.25 9.48 -3.61
N PHE A 187 -4.49 9.78 -4.66
CA PHE A 187 -4.24 11.17 -5.02
C PHE A 187 -5.38 11.79 -5.81
N ASP A 188 -6.47 11.03 -6.05
CA ASP A 188 -7.75 11.65 -6.40
C ASP A 188 -8.50 12.11 -5.17
N GLY A 189 -7.91 11.97 -3.97
CA GLY A 189 -8.53 12.43 -2.76
C GLY A 189 -9.50 11.46 -2.11
N THR A 190 -9.81 10.34 -2.76
CA THR A 190 -10.66 9.33 -2.13
C THR A 190 -9.86 8.53 -1.12
N MET A 191 -10.46 8.25 0.02
CA MET A 191 -9.90 7.27 0.94
C MET A 191 -10.05 5.88 0.36
N TYR A 192 -9.08 5.03 0.65
CA TYR A 192 -9.23 3.62 0.33
C TYR A 192 -10.36 3.05 1.16
N GLY A 193 -11.13 2.17 0.56
CA GLY A 193 -12.21 1.54 1.30
C GLY A 193 -13.34 2.52 1.64
N ALA A 194 -14.08 2.17 2.69
CA ALA A 194 -15.17 2.99 3.19
C ALA A 194 -14.75 3.93 4.31
N PHE A 195 -13.46 4.13 4.51
CA PHE A 195 -12.98 4.93 5.63
C PHE A 195 -13.20 6.41 5.41
N MET A 196 -13.32 7.13 6.53
CA MET A 196 -13.42 8.57 6.57
C MET A 196 -12.27 9.16 7.38
N ASP A 197 -11.79 10.34 6.99
CA ASP A 197 -10.65 10.95 7.69
C ASP A 197 -11.17 11.77 8.87
N LYS A 198 -11.71 11.03 9.86
CA LYS A 198 -12.21 11.59 11.11
C LYS A 198 -11.81 10.65 12.25
N GLN A 199 -11.46 11.24 13.39
CA GLN A 199 -10.91 10.44 14.48
C GLN A 199 -12.06 9.91 15.34
N VAL A 200 -12.73 8.90 14.79
CA VAL A 200 -13.81 8.16 15.44
C VAL A 200 -13.62 6.69 15.10
N HIS A 201 -14.14 5.82 15.96
CA HIS A 201 -14.12 4.39 15.62
C HIS A 201 -15.03 4.12 14.43
N GLN A 202 -14.57 3.24 13.55
CA GLN A 202 -15.23 2.99 12.27
C GLN A 202 -15.30 1.50 12.02
N VAL A 203 -16.32 1.09 11.25
CA VAL A 203 -16.45 -0.30 10.88
C VAL A 203 -15.23 -0.68 10.04
N GLN A 204 -14.73 -1.88 10.28
CA GLN A 204 -13.69 -2.43 9.43
C GLN A 204 -14.20 -3.68 8.75
N LEU A 205 -14.01 -3.76 7.44
CA LEU A 205 -14.34 -4.98 6.74
C LEU A 205 -13.40 -6.09 7.18
N THR A 206 -13.84 -7.32 6.96
CA THR A 206 -12.98 -8.45 7.25
C THR A 206 -11.76 -8.42 6.34
N ASP A 207 -10.62 -8.79 6.88
CA ASP A 207 -9.49 -9.14 6.05
C ASP A 207 -9.68 -10.54 5.49
N LYS A 208 -8.93 -10.83 4.43
CA LYS A 208 -8.98 -12.12 3.76
C LYS A 208 -7.59 -12.48 3.32
N TYR A 209 -7.36 -13.78 3.14
CA TYR A 209 -6.12 -14.22 2.50
C TYR A 209 -6.16 -13.86 1.03
N CYS A 210 -5.07 -13.30 0.50
CA CYS A 210 -4.99 -12.95 -0.92
CA CYS A 210 -5.01 -12.96 -0.91
C CYS A 210 -4.54 -14.18 -1.69
N SER A 211 -5.50 -14.86 -2.32
CA SER A 211 -5.25 -16.15 -2.96
C SER A 211 -4.14 -16.12 -3.99
N VAL A 212 -4.11 -15.09 -4.85
CA VAL A 212 -3.10 -15.03 -5.88
C VAL A 212 -1.70 -14.95 -5.25
N ASN A 213 -1.57 -14.28 -4.10
CA ASN A 213 -0.26 -14.16 -3.47
C ASN A 213 0.12 -15.45 -2.76
N VAL A 214 -0.87 -16.18 -2.21
CA VAL A 214 -0.57 -17.50 -1.66
C VAL A 214 -0.09 -18.43 -2.76
N VAL A 215 -0.75 -18.42 -3.91
CA VAL A 215 -0.27 -19.19 -5.04
C VAL A 215 1.17 -18.81 -5.39
N ALA A 216 1.47 -17.51 -5.47
CA ALA A 216 2.83 -17.06 -5.77
C ALA A 216 3.85 -17.65 -4.81
N TRP A 217 3.50 -17.66 -3.51
CA TRP A 217 4.43 -18.13 -2.49
C TRP A 217 4.65 -19.64 -2.61
N LEU A 218 3.60 -20.40 -2.90
CA LEU A 218 3.77 -21.83 -3.14
C LEU A 218 4.66 -22.08 -4.38
N TYR A 219 4.52 -21.26 -5.43
CA TYR A 219 5.46 -21.34 -6.55
C TYR A 219 6.89 -21.02 -6.11
N ALA A 220 7.05 -20.00 -5.24
CA ALA A 220 8.37 -19.71 -4.71
C ALA A 220 8.94 -20.91 -3.98
N ALA A 221 8.08 -21.64 -3.25
CA ALA A 221 8.53 -22.85 -2.57
C ALA A 221 9.04 -23.88 -3.57
N ILE A 222 8.28 -24.11 -4.65
CA ILE A 222 8.70 -25.08 -5.66
C ILE A 222 10.02 -24.68 -6.29
N LEU A 223 10.17 -23.40 -6.62
CA LEU A 223 11.41 -22.88 -7.19
C LEU A 223 12.59 -23.06 -6.24
N ASN A 224 12.33 -23.33 -4.96
CA ASN A 224 13.38 -23.58 -3.99
C ASN A 224 13.48 -25.04 -3.59
N GLY A 225 12.87 -25.94 -4.35
CA GLY A 225 12.99 -27.36 -4.10
C GLY A 225 12.02 -27.91 -3.07
N CYS A 226 11.04 -27.12 -2.66
CA CYS A 226 10.05 -27.50 -1.66
C CYS A 226 8.73 -27.70 -2.39
N ALA A 227 8.35 -28.97 -2.59
CA ALA A 227 7.16 -29.29 -3.37
C ALA A 227 6.36 -30.46 -2.79
N TRP A 228 6.54 -30.76 -1.49
CA TRP A 228 5.85 -31.89 -0.87
C TRP A 228 4.33 -31.76 -0.93
N PHE A 229 3.83 -30.53 -1.01
CA PHE A 229 2.40 -30.25 -1.05
C PHE A 229 1.79 -30.35 -2.45
N VAL A 230 2.61 -30.58 -3.47
CA VAL A 230 2.08 -30.71 -4.83
C VAL A 230 1.58 -32.13 -5.02
N LYS A 231 0.34 -32.27 -5.45
CA LYS A 231 -0.25 -33.54 -5.82
C LYS A 231 -0.85 -33.45 -7.21
N PRO A 232 -1.19 -34.58 -7.83
CA PRO A 232 -1.91 -34.51 -9.11
C PRO A 232 -3.29 -33.90 -9.00
N ASN A 233 -3.88 -33.93 -7.81
CA ASN A 233 -5.19 -33.37 -7.59
C ASN A 233 -5.25 -31.90 -8.00
N ARG A 234 -6.39 -31.50 -8.55
CA ARG A 234 -6.59 -30.15 -9.06
C ARG A 234 -7.95 -29.64 -8.60
N THR A 235 -8.02 -28.33 -8.38
CA THR A 235 -9.28 -27.64 -8.15
C THR A 235 -9.39 -26.55 -9.20
N SER A 236 -10.54 -26.48 -9.85
CA SER A 236 -10.73 -25.48 -10.89
C SER A 236 -10.80 -24.09 -10.27
N VAL A 237 -10.52 -23.07 -11.08
CA VAL A 237 -10.66 -21.71 -10.59
C VAL A 237 -12.09 -21.43 -10.14
N VAL A 238 -13.09 -21.87 -10.93
CA VAL A 238 -14.47 -21.60 -10.55
CA VAL A 238 -14.48 -21.60 -10.55
C VAL A 238 -14.80 -22.29 -9.21
N SER A 239 -14.38 -23.55 -9.05
CA SER A 239 -14.67 -24.26 -7.81
C SER A 239 -13.94 -23.64 -6.63
N PHE A 240 -12.67 -23.26 -6.83
CA PHE A 240 -11.91 -22.64 -5.75
C PHE A 240 -12.57 -21.35 -5.30
N ASN A 241 -13.04 -20.55 -6.24
CA ASN A 241 -13.59 -19.26 -5.89
C ASN A 241 -14.90 -19.39 -5.11
N GLU A 242 -15.70 -20.42 -5.40
CA GLU A 242 -16.85 -20.70 -4.56
C GLU A 242 -16.39 -21.02 -3.14
N TRP A 243 -15.35 -21.85 -3.03
CA TRP A 243 -14.80 -22.23 -1.72
C TRP A 243 -14.23 -21.01 -1.01
N ALA A 244 -13.54 -20.15 -1.75
CA ALA A 244 -12.91 -18.99 -1.15
C ALA A 244 -13.92 -18.11 -0.42
N LEU A 245 -15.11 -17.92 -1.01
CA LEU A 245 -16.12 -17.07 -0.40
C LEU A 245 -16.61 -17.60 0.95
N ALA A 246 -16.49 -18.90 1.20
CA ALA A 246 -16.88 -19.48 2.47
C ALA A 246 -15.72 -19.63 3.45
N ASN A 247 -14.49 -19.23 3.06
CA ASN A 247 -13.32 -19.55 3.86
C ASN A 247 -12.37 -18.35 4.03
N GLN A 248 -12.85 -17.15 3.77
CA GLN A 248 -12.11 -15.90 4.05
C GLN A 248 -10.86 -15.80 3.17
N PHE A 249 -10.98 -16.27 1.92
CA PHE A 249 -10.03 -16.05 0.86
C PHE A 249 -10.62 -15.13 -0.19
N THR A 250 -9.75 -14.35 -0.83
CA THR A 250 -10.16 -13.65 -2.03
C THR A 250 -10.43 -14.62 -3.17
N GLU A 251 -11.32 -14.22 -4.07
CA GLU A 251 -11.44 -14.95 -5.31
C GLU A 251 -10.16 -14.80 -6.15
N PHE A 252 -9.74 -15.91 -6.75
CA PHE A 252 -8.51 -15.97 -7.53
C PHE A 252 -8.74 -15.53 -8.97
N VAL A 253 -7.87 -14.63 -9.44
CA VAL A 253 -7.86 -14.14 -10.81
C VAL A 253 -6.43 -14.28 -11.30
N GLY A 254 -6.20 -15.21 -12.21
CA GLY A 254 -4.85 -15.45 -12.70
C GLY A 254 -4.36 -14.31 -13.58
N THR A 255 -3.04 -14.22 -13.67
CA THR A 255 -2.37 -13.17 -14.43
C THR A 255 -1.23 -13.79 -15.21
N GLN A 256 -0.69 -13.03 -16.15
CA GLN A 256 0.49 -13.45 -16.90
C GLN A 256 1.65 -13.77 -15.98
N SER A 257 1.80 -13.01 -14.90
CA SER A 257 2.87 -13.26 -13.94
CA SER A 257 2.88 -13.27 -13.95
C SER A 257 2.72 -14.65 -13.31
N VAL A 258 1.49 -15.03 -12.97
CA VAL A 258 1.27 -16.36 -12.40
C VAL A 258 1.55 -17.42 -13.44
N ASP A 259 1.11 -17.18 -14.69
CA ASP A 259 1.34 -18.12 -15.78
C ASP A 259 2.83 -18.38 -16.00
N MET A 260 3.68 -17.34 -15.87
CA MET A 260 5.12 -17.53 -16.02
C MET A 260 5.67 -18.49 -14.98
N LEU A 261 5.16 -18.41 -13.74
CA LEU A 261 5.57 -19.33 -12.68
C LEU A 261 5.10 -20.75 -12.96
N ALA A 262 3.89 -20.90 -13.50
CA ALA A 262 3.39 -22.22 -13.85
C ALA A 262 4.27 -22.85 -14.93
N VAL A 263 4.69 -22.06 -15.92
CA VAL A 263 5.55 -22.57 -16.98
C VAL A 263 6.92 -22.97 -16.44
N LYS A 264 7.52 -22.10 -15.62
CA LYS A 264 8.88 -22.35 -15.14
C LYS A 264 8.93 -23.58 -14.24
N THR A 265 7.87 -23.83 -13.47
CA THR A 265 7.89 -24.94 -12.52
C THR A 265 7.25 -26.21 -13.06
N GLY A 266 6.45 -26.09 -14.12
CA GLY A 266 5.68 -27.23 -14.60
C GLY A 266 4.54 -27.67 -13.70
N VAL A 267 4.12 -26.83 -12.77
CA VAL A 267 3.02 -27.11 -11.87
C VAL A 267 1.86 -26.20 -12.21
N ALA A 268 0.69 -26.81 -12.41
CA ALA A 268 -0.47 -26.05 -12.84
C ALA A 268 -1.05 -25.26 -11.67
N ILE A 269 -1.64 -24.10 -12.00
CA ILE A 269 -2.34 -23.30 -11.02
C ILE A 269 -3.35 -24.14 -10.25
N GLU A 270 -4.13 -24.97 -10.96
CA GLU A 270 -5.18 -25.73 -10.31
C GLU A 270 -4.64 -26.73 -9.30
N GLN A 271 -3.40 -27.19 -9.47
CA GLN A 271 -2.76 -28.04 -8.47
C GLN A 271 -2.54 -27.27 -7.18
N LEU A 272 -2.15 -25.99 -7.29
CA LEU A 272 -1.89 -25.21 -6.10
C LEU A 272 -3.18 -24.70 -5.45
N LEU A 273 -4.26 -24.54 -6.23
CA LEU A 273 -5.52 -24.19 -5.61
C LEU A 273 -6.04 -25.34 -4.76
N TYR A 274 -5.88 -26.57 -5.24
CA TYR A 274 -6.17 -27.74 -4.41
C TYR A 274 -5.29 -27.77 -3.16
N ALA A 275 -3.98 -27.53 -3.33
CA ALA A 275 -3.10 -27.55 -2.18
C ALA A 275 -3.52 -26.53 -1.13
N ILE A 276 -3.91 -25.33 -1.56
CA ILE A 276 -4.33 -24.31 -0.60
C ILE A 276 -5.50 -24.81 0.23
N GLN A 277 -6.48 -25.42 -0.42
CA GLN A 277 -7.64 -25.90 0.30
C GLN A 277 -7.23 -26.89 1.39
N GLN A 278 -6.30 -27.79 1.05
CA GLN A 278 -5.84 -28.77 2.04
C GLN A 278 -4.97 -28.11 3.10
N LEU A 279 -3.99 -27.31 2.70
CA LEU A 279 -3.13 -26.63 3.67
C LEU A 279 -3.92 -25.74 4.62
N TYR A 280 -5.02 -25.14 4.16
CA TYR A 280 -5.80 -24.28 5.04
C TYR A 280 -6.40 -25.08 6.19
N THR A 281 -6.68 -26.37 5.98
CA THR A 281 -7.11 -27.25 7.06
C THR A 281 -5.98 -27.62 8.02
N GLY A 282 -4.71 -27.39 7.65
CA GLY A 282 -3.57 -27.62 8.54
C GLY A 282 -2.34 -28.16 7.83
N PHE A 283 -1.14 -27.74 8.26
CA PHE A 283 0.11 -28.18 7.65
C PHE A 283 0.57 -29.52 8.22
N GLN A 284 -0.05 -29.97 9.31
CA GLN A 284 0.26 -31.25 9.93
C GLN A 284 1.73 -31.32 10.35
N GLY A 285 2.20 -30.25 10.99
CA GLY A 285 3.55 -30.18 11.48
C GLY A 285 4.61 -29.94 10.42
N LYS A 286 4.25 -29.98 9.14
CA LYS A 286 5.21 -29.73 8.08
C LYS A 286 5.36 -28.23 7.85
N GLN A 287 6.47 -27.84 7.26
CA GLN A 287 6.76 -26.44 6.99
C GLN A 287 6.89 -26.18 5.50
N ILE A 288 6.57 -24.95 5.09
CA ILE A 288 6.82 -24.48 3.73
C ILE A 288 7.62 -23.18 3.84
N LEU A 289 8.82 -23.18 3.27
CA LEU A 289 9.72 -22.03 3.34
C LEU A 289 9.76 -21.46 4.75
N GLY A 290 9.87 -22.37 5.72
CA GLY A 290 10.06 -22.03 7.12
C GLY A 290 8.81 -21.59 7.84
N SER A 291 7.63 -21.74 7.24
CA SER A 291 6.38 -21.28 7.81
C SER A 291 5.44 -22.46 8.00
N THR A 292 4.61 -22.39 9.04
CA THR A 292 3.54 -23.36 9.24
C THR A 292 2.17 -22.74 8.96
N MET A 293 2.15 -21.58 8.30
CA MET A 293 0.88 -21.01 7.84
C MET A 293 1.08 -20.43 6.45
N LEU A 294 -0.05 -20.24 5.77
CA LEU A 294 -0.04 -19.66 4.44
C LEU A 294 0.48 -18.24 4.52
N GLU A 295 1.27 -17.87 3.52
CA GLU A 295 1.85 -16.53 3.41
C GLU A 295 1.25 -15.83 2.19
N ASP A 296 0.70 -14.63 2.38
CA ASP A 296 0.11 -13.90 1.27
C ASP A 296 0.69 -12.50 1.09
N GLU A 297 1.88 -12.23 1.62
CA GLU A 297 2.49 -10.91 1.54
C GLU A 297 3.49 -10.75 0.41
N PHE A 298 3.67 -11.76 -0.43
CA PHE A 298 4.52 -11.71 -1.62
C PHE A 298 3.70 -11.93 -2.88
N THR A 299 3.90 -11.09 -3.87
CA THR A 299 3.13 -11.12 -5.09
C THR A 299 3.79 -12.02 -6.14
N PRO A 300 3.03 -12.40 -7.18
CA PRO A 300 3.65 -13.10 -8.32
C PRO A 300 4.82 -12.34 -8.91
N GLU A 301 4.70 -11.02 -8.98
CA GLU A 301 5.80 -10.19 -9.47
C GLU A 301 7.02 -10.27 -8.56
N ASP A 302 6.81 -10.23 -7.24
CA ASP A 302 7.93 -10.41 -6.31
C ASP A 302 8.71 -11.68 -6.63
N VAL A 303 7.98 -12.76 -6.84
CA VAL A 303 8.64 -14.05 -7.01
C VAL A 303 9.37 -14.08 -8.34
N ASN A 304 8.71 -13.61 -9.40
CA ASN A 304 9.34 -13.54 -10.72
C ASN A 304 10.62 -12.72 -10.67
N MET A 305 10.58 -11.54 -10.04
CA MET A 305 11.74 -10.64 -10.01
C MET A 305 12.82 -11.15 -9.08
N GLN A 306 12.46 -11.52 -7.86
CA GLN A 306 13.49 -11.78 -6.85
C GLN A 306 14.17 -13.11 -7.06
N ILE A 307 13.41 -14.12 -7.47
CA ILE A 307 13.99 -15.44 -7.63
C ILE A 307 14.43 -15.68 -9.06
N MET A 308 13.60 -15.31 -10.04
CA MET A 308 13.89 -15.63 -11.43
C MET A 308 14.57 -14.50 -12.19
N GLY A 309 14.70 -13.33 -11.59
CA GLY A 309 15.25 -12.18 -12.29
C GLY A 309 14.48 -11.75 -13.52
N VAL A 310 13.18 -11.94 -13.53
CA VAL A 310 12.31 -11.64 -14.67
C VAL A 310 11.54 -10.37 -14.34
N VAL A 311 11.95 -9.25 -14.95
CA VAL A 311 11.28 -7.96 -14.78
C VAL A 311 10.88 -7.40 -16.14
#